data_5XW1
#
_entry.id   5XW1
#
_cell.length_a   83.165
_cell.length_b   83.165
_cell.length_c   135.232
_cell.angle_alpha   90.00
_cell.angle_beta   90.00
_cell.angle_gamma   120.00
#
_symmetry.space_group_name_H-M   'P 61 2 2'
#
loop_
_entity.id
_entity.type
_entity.pdbx_description
1 polymer Trypsin
2 polymer Trypsin
3 polymer 'Acetylated-Pro-Arg-Asn Inhibitor'
4 non-polymer 'CALCIUM ION'
5 non-polymer (4S)-2-METHYL-2,4-PENTANEDIOL
6 water water
#
loop_
_entity_poly.entity_id
_entity_poly.type
_entity_poly.pdbx_seq_one_letter_code
_entity_poly.pdbx_strand_id
1 'polypeptide(L)'
;FPTDDDDKIVGGYTCAANSIPYQVSLNSGSHFCGGSLINSQWVVSAAHCYKSRIQVRLGEHNIDVLEGNEQFINAAKIIT
HPNFNGNTLDNDIMLIKLSSPATLNSRVATVSLPRSCAAAGTECLISGWGNTK
;
A
2 'polypeptide(L)'
;SSGSSYPSLLQCLKAPVLSDSSCKSSYPGQITGNMICVGFLEGGKDSCQGDSGGPVVCNGQLQGIVSWGYGCAQKNKPGV
YTKVCNYVNWIQQTIAAN
;
B
3 'polypeptide(L)' (ACE)PRN C
#
loop_
_chem_comp.id
_chem_comp.type
_chem_comp.name
_chem_comp.formula
ACE non-polymer 'ACETYL GROUP' 'C2 H4 O'
CA non-polymer 'CALCIUM ION' 'Ca 2'
MPD non-polymer (4S)-2-METHYL-2,4-PENTANEDIOL 'C6 H14 O2'
#
# COMPACT_ATOMS: atom_id res chain seq x y z
N ILE A 9 -9.81 -4.92 0.36
CA ILE A 9 -10.16 -4.81 -1.07
C ILE A 9 -11.60 -5.28 -1.25
N VAL A 10 -12.46 -4.36 -1.71
CA VAL A 10 -13.87 -4.65 -1.98
C VAL A 10 -14.04 -4.89 -3.47
N GLY A 11 -14.74 -5.97 -3.82
CA GLY A 11 -15.01 -6.24 -5.22
C GLY A 11 -13.83 -6.75 -6.01
N GLY A 12 -12.81 -7.27 -5.34
CA GLY A 12 -11.65 -7.83 -5.99
C GLY A 12 -11.76 -9.33 -6.18
N TYR A 13 -10.60 -9.97 -6.31
CA TYR A 13 -10.50 -11.43 -6.44
C TYR A 13 -9.32 -11.88 -5.59
N THR A 14 -9.27 -13.17 -5.29
CA THR A 14 -8.15 -13.67 -4.51
C THR A 14 -6.91 -13.76 -5.40
N CYS A 15 -5.82 -13.10 -4.99
CA CYS A 15 -4.57 -13.24 -5.73
C CYS A 15 -4.13 -14.70 -5.73
N ALA A 16 -3.49 -15.12 -6.82
CA ALA A 16 -2.78 -16.39 -6.81
C ALA A 16 -1.70 -16.32 -5.75
N ALA A 17 -1.50 -17.42 -5.01
CA ALA A 17 -0.59 -17.42 -3.87
C ALA A 17 0.81 -16.95 -4.28
N ASN A 18 1.33 -15.96 -3.54
CA ASN A 18 2.67 -15.41 -3.74
C ASN A 18 2.88 -14.83 -5.13
N SER A 19 1.80 -14.45 -5.83
CA SER A 19 1.95 -13.80 -7.12
C SER A 19 2.20 -12.30 -7.00
N ILE A 20 2.13 -11.75 -5.79
CA ILE A 20 2.42 -10.34 -5.51
C ILE A 20 3.59 -10.34 -4.52
N PRO A 21 4.80 -10.75 -4.96
CA PRO A 21 5.85 -11.08 -3.98
C PRO A 21 6.43 -9.87 -3.26
N TYR A 22 6.13 -8.64 -3.71
CA TYR A 22 6.53 -7.42 -3.01
C TYR A 22 5.54 -7.00 -1.93
N GLN A 23 4.37 -7.64 -1.84
CA GLN A 23 3.40 -7.28 -0.82
C GLN A 23 3.82 -7.81 0.55
N VAL A 24 3.79 -6.95 1.56
CA VAL A 24 4.03 -7.37 2.93
C VAL A 24 2.83 -7.02 3.81
N SER A 25 2.75 -7.71 4.94
CA SER A 25 1.76 -7.41 5.98
C SER A 25 2.51 -6.83 7.17
N LEU A 26 2.02 -5.69 7.69
CA LEU A 26 2.57 -5.10 8.90
C LEU A 26 1.78 -5.59 10.10
N ASN A 27 2.48 -6.12 11.11
CA ASN A 27 1.86 -6.88 12.18
C ASN A 27 2.33 -6.35 13.53
N SER A 28 1.40 -6.11 14.43
CA SER A 28 1.72 -5.75 15.81
C SER A 28 0.94 -6.64 16.78
N GLY A 29 0.97 -7.94 16.52
CA GLY A 29 0.08 -8.86 17.21
C GLY A 29 -0.94 -9.41 16.22
N SER A 30 -1.47 -8.53 15.37
CA SER A 30 -2.30 -8.93 14.24
C SER A 30 -2.01 -7.99 13.08
N HIS A 31 -2.48 -8.37 11.89
CA HIS A 31 -2.32 -7.53 10.72
C HIS A 31 -3.03 -6.19 10.93
N PHE A 32 -2.37 -5.09 10.55
CA PHE A 32 -3.03 -3.79 10.59
C PHE A 32 -2.81 -2.92 9.37
N CYS A 33 -1.82 -3.21 8.52
CA CYS A 33 -1.52 -2.39 7.36
C CYS A 33 -0.71 -3.22 6.37
N GLY A 34 -0.63 -2.74 5.12
CA GLY A 34 0.23 -3.33 4.11
C GLY A 34 1.49 -2.50 3.90
N GLY A 35 2.32 -2.99 2.97
CA GLY A 35 3.53 -2.29 2.55
C GLY A 35 4.10 -2.96 1.32
N SER A 36 5.11 -2.33 0.73
CA SER A 36 5.75 -2.87 -0.48
C SER A 36 7.26 -2.94 -0.25
N LEU A 37 7.86 -4.08 -0.59
CA LEU A 37 9.31 -4.24 -0.47
C LEU A 37 10.01 -3.57 -1.66
N ILE A 38 10.91 -2.64 -1.38
CA ILE A 38 11.59 -1.94 -2.47
C ILE A 38 13.09 -2.23 -2.54
N ASN A 39 13.74 -2.67 -1.46
CA ASN A 39 14.99 -3.41 -1.57
C ASN A 39 15.02 -4.40 -0.41
N SER A 40 16.11 -5.17 -0.30
CA SER A 40 16.07 -6.27 0.67
C SER A 40 15.94 -5.78 2.10
N GLN A 41 16.22 -4.50 2.36
CA GLN A 41 16.20 -3.97 3.72
C GLN A 41 15.07 -3.00 3.99
N TRP A 42 14.28 -2.61 2.99
CA TRP A 42 13.37 -1.49 3.18
C TRP A 42 11.98 -1.75 2.59
N VAL A 43 10.97 -1.38 3.37
CA VAL A 43 9.56 -1.46 2.98
C VAL A 43 9.03 -0.02 2.95
N VAL A 44 8.24 0.31 1.93
CA VAL A 44 7.55 1.61 1.94
C VAL A 44 6.07 1.38 2.26
N SER A 45 5.50 2.27 3.07
CA SER A 45 4.13 2.13 3.54
C SER A 45 3.55 3.53 3.74
N ALA A 46 2.47 3.63 4.51
CA ALA A 46 1.83 4.90 4.78
C ALA A 46 2.20 5.40 6.16
N ALA A 47 2.39 6.71 6.29
CA ALA A 47 2.76 7.27 7.59
C ALA A 47 1.67 7.09 8.63
N HIS A 48 0.39 7.06 8.23
CA HIS A 48 -0.61 6.89 9.27
C HIS A 48 -0.66 5.44 9.79
N CYS A 49 0.08 4.53 9.17
CA CYS A 49 0.30 3.19 9.72
C CYS A 49 1.40 3.15 10.77
N TYR A 50 1.92 4.30 11.21
CA TYR A 50 3.02 4.29 12.17
C TYR A 50 2.64 3.59 13.47
N LYS A 51 3.54 2.74 13.97
CA LYS A 51 3.53 2.24 15.33
C LYS A 51 4.97 2.22 15.83
N SER A 52 5.14 2.30 17.15
CA SER A 52 6.51 2.33 17.67
C SER A 52 7.24 1.01 17.42
N ARG A 53 6.52 -0.10 17.30
CA ARG A 53 7.12 -1.39 16.94
C ARG A 53 6.26 -2.08 15.90
N ILE A 54 6.91 -2.63 14.87
CA ILE A 54 6.22 -3.27 13.75
C ILE A 54 7.00 -4.52 13.40
N GLN A 55 6.31 -5.64 13.22
CA GLN A 55 6.90 -6.83 12.63
C GLN A 55 6.47 -6.92 11.17
N VAL A 56 7.45 -7.01 10.27
CA VAL A 56 7.17 -7.13 8.84
C VAL A 56 7.08 -8.61 8.47
N ARG A 57 5.98 -8.98 7.79
CA ARG A 57 5.75 -10.36 7.41
C ARG A 57 5.75 -10.44 5.88
N LEU A 58 6.76 -11.11 5.34
CA LEU A 58 6.97 -11.26 3.91
C LEU A 58 6.64 -12.68 3.48
N GLY A 59 6.40 -12.85 2.18
CA GLY A 59 6.09 -14.16 1.64
C GLY A 59 4.73 -14.70 2.05
N GLU A 60 3.81 -13.84 2.48
CA GLU A 60 2.52 -14.30 2.97
C GLU A 60 1.50 -14.48 1.85
N HIS A 61 0.62 -15.47 2.02
CA HIS A 61 -0.65 -15.52 1.30
C HIS A 61 -1.81 -15.61 2.29
N ASN A 62 -1.93 -16.72 3.04
CA ASN A 62 -2.86 -16.80 4.17
C ASN A 62 -2.16 -16.26 5.43
N ILE A 63 -2.60 -15.10 5.93
CA ILE A 63 -1.91 -14.50 7.08
C ILE A 63 -2.23 -15.18 8.41
N ASP A 64 -3.12 -16.18 8.41
CA ASP A 64 -3.48 -16.90 9.63
C ASP A 64 -2.85 -18.28 9.73
N VAL A 65 -2.24 -18.78 8.66
CA VAL A 65 -1.76 -20.15 8.58
C VAL A 65 -0.31 -20.13 8.12
N LEU A 66 0.55 -20.85 8.83
CA LEU A 66 1.93 -21.01 8.38
C LEU A 66 2.01 -21.92 7.18
N GLU A 67 2.47 -21.39 6.04
CA GLU A 67 2.51 -22.11 4.79
C GLU A 67 3.92 -22.52 4.35
N GLY A 68 4.96 -21.89 4.89
CA GLY A 68 6.33 -22.29 4.65
C GLY A 68 7.19 -21.27 3.93
N ASN A 69 6.59 -20.25 3.33
CA ASN A 69 7.33 -19.25 2.60
C ASN A 69 7.50 -17.94 3.35
N GLU A 70 7.02 -17.87 4.59
CA GLU A 70 7.02 -16.62 5.34
C GLU A 70 8.42 -16.26 5.84
N GLN A 71 8.64 -14.94 5.97
CA GLN A 71 9.76 -14.40 6.73
C GLN A 71 9.20 -13.32 7.64
N PHE A 72 9.42 -13.47 8.95
CA PHE A 72 8.96 -12.51 9.95
C PHE A 72 10.19 -11.74 10.44
N ILE A 73 10.25 -10.44 10.17
CA ILE A 73 11.42 -9.63 10.51
C ILE A 73 10.93 -8.35 11.19
N ASN A 74 11.42 -8.09 12.39
CA ASN A 74 11.04 -6.88 13.12
C ASN A 74 11.74 -5.65 12.54
N ALA A 75 11.04 -4.51 12.60
CA ALA A 75 11.62 -3.26 12.12
C ALA A 75 12.75 -2.80 13.03
N ALA A 76 13.82 -2.29 12.42
CA ALA A 76 14.88 -1.62 13.16
C ALA A 76 14.72 -0.10 13.18
N LYS A 77 14.17 0.48 12.10
CA LYS A 77 13.93 1.91 11.99
C LYS A 77 12.59 2.12 11.32
N ILE A 78 11.91 3.20 11.72
CA ILE A 78 10.63 3.58 11.13
C ILE A 78 10.66 5.08 10.93
N ILE A 79 10.59 5.52 9.68
CA ILE A 79 10.80 6.92 9.32
C ILE A 79 9.56 7.41 8.57
N THR A 80 8.78 8.29 9.21
CA THR A 80 7.64 8.91 8.55
C THR A 80 8.10 10.16 7.80
N HIS A 81 7.38 10.50 6.74
CA HIS A 81 7.74 11.70 6.00
C HIS A 81 7.66 12.90 6.93
N PRO A 82 8.68 13.77 6.95
CA PRO A 82 8.68 14.88 7.92
C PRO A 82 7.52 15.85 7.75
N ASN A 83 6.89 15.92 6.58
CA ASN A 83 5.79 16.85 6.39
C ASN A 83 4.43 16.14 6.34
N PHE A 84 4.36 14.91 6.84
CA PHE A 84 3.08 14.25 7.04
C PHE A 84 2.13 15.15 7.83
N ASN A 85 0.88 15.24 7.37
CA ASN A 85 -0.16 16.00 8.07
C ASN A 85 -1.21 15.00 8.53
N GLY A 86 -1.31 14.80 9.85
CA GLY A 86 -2.22 13.80 10.37
C GLY A 86 -3.68 14.16 10.23
N ASN A 87 -4.00 15.43 9.98
CA ASN A 87 -5.38 15.85 9.82
C ASN A 87 -5.89 15.61 8.41
N THR A 88 -5.04 15.85 7.40
CA THR A 88 -5.43 15.74 6.01
C THR A 88 -4.85 14.52 5.31
N LEU A 89 -3.92 13.81 5.94
CA LEU A 89 -3.15 12.70 5.36
C LEU A 89 -2.29 13.13 4.16
N ASP A 90 -1.95 14.41 4.04
CA ASP A 90 -0.96 14.82 3.06
C ASP A 90 0.41 14.25 3.41
N ASN A 91 1.19 13.91 2.39
CA ASN A 91 2.52 13.29 2.57
C ASN A 91 2.42 11.99 3.38
N ASP A 92 1.46 11.14 3.00
CA ASP A 92 1.19 9.91 3.77
C ASP A 92 2.11 8.80 3.28
N ILE A 93 3.38 8.85 3.72
CA ILE A 93 4.37 7.89 3.28
C ILE A 93 5.38 7.65 4.39
N MET A 94 5.88 6.42 4.47
CA MET A 94 6.70 5.97 5.58
C MET A 94 7.65 4.90 5.06
N LEU A 95 8.87 4.88 5.61
CA LEU A 95 9.86 3.87 5.27
C LEU A 95 10.23 3.05 6.51
N ILE A 96 10.27 1.72 6.35
CA ILE A 96 10.57 0.78 7.43
C ILE A 96 11.85 0.05 7.07
N LYS A 97 12.86 0.12 7.95
CA LYS A 97 14.08 -0.65 7.76
C LYS A 97 13.97 -1.96 8.52
N LEU A 98 14.22 -3.07 7.83
CA LEU A 98 14.21 -4.38 8.47
C LEU A 98 15.46 -4.57 9.32
N SER A 99 15.30 -5.24 10.47
CA SER A 99 16.44 -5.42 11.36
C SER A 99 17.47 -6.41 10.78
N SER A 100 17.06 -7.27 9.86
CA SER A 100 18.00 -8.04 9.06
C SER A 100 17.44 -8.08 7.65
N PRO A 101 18.31 -8.22 6.63
CA PRO A 101 17.81 -8.20 5.25
C PRO A 101 16.90 -9.39 4.98
N ALA A 102 15.82 -9.14 4.26
CA ALA A 102 15.00 -10.24 3.78
C ALA A 102 15.80 -11.07 2.77
N THR A 103 15.49 -12.36 2.72
CA THR A 103 16.05 -13.24 1.69
C THR A 103 15.16 -13.14 0.46
N LEU A 104 15.68 -12.57 -0.62
CA LEU A 104 14.91 -12.46 -1.84
C LEU A 104 14.87 -13.80 -2.55
N ASN A 105 13.69 -14.18 -3.02
CA ASN A 105 13.51 -15.43 -3.75
C ASN A 105 12.31 -15.27 -4.67
N SER A 106 11.77 -16.39 -5.16
CA SER A 106 10.66 -16.29 -6.10
C SER A 106 9.37 -15.79 -5.47
N ARG A 107 9.24 -15.86 -4.14
CA ARG A 107 8.01 -15.41 -3.48
C ARG A 107 8.20 -14.18 -2.61
N VAL A 108 9.42 -13.67 -2.50
CA VAL A 108 9.75 -12.45 -1.76
C VAL A 108 10.65 -11.62 -2.67
N ALA A 109 10.12 -10.53 -3.22
CA ALA A 109 10.82 -9.80 -4.28
C ALA A 109 10.48 -8.32 -4.22
N THR A 110 11.30 -7.50 -4.88
CA THR A 110 11.09 -6.05 -4.83
C THR A 110 10.22 -5.59 -5.99
N VAL A 111 9.62 -4.40 -5.83
CA VAL A 111 8.89 -3.72 -6.90
C VAL A 111 9.65 -2.44 -7.24
N SER A 112 9.70 -2.12 -8.54
CA SER A 112 10.44 -0.95 -9.00
C SER A 112 9.73 0.36 -8.63
N LEU A 113 10.52 1.38 -8.30
CA LEU A 113 9.99 2.73 -8.16
C LEU A 113 9.68 3.30 -9.55
N PRO A 114 8.84 4.33 -9.63
CA PRO A 114 8.39 4.81 -10.95
C PRO A 114 9.44 5.66 -11.65
N ARG A 115 9.52 5.49 -12.97
CA ARG A 115 10.37 6.33 -13.81
C ARG A 115 9.66 7.58 -14.29
N SER A 116 8.33 7.63 -14.20
CA SER A 116 7.55 8.82 -14.46
C SER A 116 6.18 8.59 -13.82
N CYS A 117 5.37 9.64 -13.78
CA CYS A 117 4.01 9.49 -13.26
C CYS A 117 3.13 8.75 -14.27
N ALA A 118 2.13 8.04 -13.75
CA ALA A 118 1.22 7.28 -14.60
C ALA A 118 0.13 8.17 -15.20
N ALA A 119 -0.17 7.94 -16.47
CA ALA A 119 -1.22 8.70 -17.13
C ALA A 119 -2.60 8.26 -16.64
N ALA A 120 -3.52 9.23 -16.58
CA ALA A 120 -4.91 8.90 -16.29
C ALA A 120 -5.40 7.84 -17.26
N GLY A 121 -6.12 6.84 -16.74
CA GLY A 121 -6.57 5.72 -17.53
C GLY A 121 -5.65 4.51 -17.49
N THR A 122 -4.44 4.64 -16.97
CA THR A 122 -3.55 3.50 -16.85
C THR A 122 -4.14 2.46 -15.89
N GLU A 123 -4.13 1.20 -16.31
CA GLU A 123 -4.62 0.11 -15.46
C GLU A 123 -3.54 -0.29 -14.46
N CYS A 124 -3.93 -0.43 -13.19
CA CYS A 124 -3.02 -0.82 -12.14
C CYS A 124 -3.57 -1.98 -11.32
N LEU A 125 -2.70 -2.55 -10.50
CA LEU A 125 -3.02 -3.66 -9.62
C LEU A 125 -2.86 -3.20 -8.18
N ILE A 126 -3.95 -3.32 -7.40
CA ILE A 126 -4.00 -2.93 -5.99
C ILE A 126 -4.21 -4.21 -5.17
N SER A 127 -3.55 -4.31 -4.02
CA SER A 127 -3.67 -5.57 -3.28
C SER A 127 -3.61 -5.31 -1.77
N GLY A 128 -4.17 -6.25 -1.00
CA GLY A 128 -4.08 -6.13 0.45
C GLY A 128 -4.97 -7.12 1.17
N TRP A 129 -4.80 -7.14 2.50
CA TRP A 129 -5.66 -7.93 3.38
C TRP A 129 -6.70 -7.06 4.10
N GLY A 130 -7.12 -5.96 3.49
CA GLY A 130 -8.12 -5.12 4.08
C GLY A 130 -9.53 -5.67 3.95
N ASN A 131 -10.46 -4.96 4.56
CA ASN A 131 -11.86 -5.38 4.55
C ASN A 131 -12.38 -5.59 3.14
N THR A 132 -13.21 -6.63 2.97
CA THR A 132 -13.77 -6.98 1.67
C THR A 132 -15.24 -6.63 1.56
N LYS A 133 -15.83 -6.06 2.61
CA LYS A 133 -17.17 -5.48 2.52
C LYS A 133 -17.14 -4.13 3.24
N SER B 1 -2.17 -12.21 11.63
CA SER B 1 -3.49 -12.77 11.85
C SER B 1 -4.61 -11.78 11.49
N SER B 2 -5.71 -12.31 10.96
CA SER B 2 -6.75 -11.51 10.33
C SER B 2 -7.83 -11.03 11.30
N GLY B 3 -7.84 -11.52 12.53
CA GLY B 3 -8.78 -11.01 13.51
C GLY B 3 -10.23 -11.23 13.10
N SER B 4 -11.03 -10.17 13.29
CA SER B 4 -12.48 -10.30 13.24
C SER B 4 -13.09 -9.94 11.89
N SER B 5 -12.41 -9.16 11.05
CA SER B 5 -13.04 -8.67 9.84
C SER B 5 -12.19 -8.89 8.58
N TYR B 6 -10.88 -8.92 8.74
CA TYR B 6 -10.02 -8.98 7.58
C TYR B 6 -10.07 -10.37 6.95
N PRO B 7 -9.85 -10.47 5.64
CA PRO B 7 -9.71 -11.78 5.01
C PRO B 7 -8.39 -12.43 5.35
N SER B 8 -8.36 -13.77 5.29
CA SER B 8 -7.11 -14.49 5.49
C SER B 8 -6.21 -14.41 4.26
N LEU B 9 -6.81 -14.40 3.05
CA LEU B 9 -6.07 -14.52 1.80
C LEU B 9 -5.89 -13.15 1.14
N LEU B 10 -4.71 -12.94 0.56
CA LEU B 10 -4.41 -11.68 -0.12
C LEU B 10 -5.37 -11.44 -1.28
N GLN B 11 -5.94 -10.23 -1.33
CA GLN B 11 -6.91 -9.86 -2.34
C GLN B 11 -6.29 -8.92 -3.37
N CYS B 12 -6.80 -8.97 -4.60
CA CYS B 12 -6.24 -8.27 -5.75
C CYS B 12 -7.35 -7.49 -6.46
N LEU B 13 -7.00 -6.34 -7.05
CA LEU B 13 -8.00 -5.57 -7.77
C LEU B 13 -7.33 -4.82 -8.93
N LYS B 14 -7.93 -4.91 -10.11
CA LYS B 14 -7.51 -4.10 -11.26
C LYS B 14 -8.33 -2.82 -11.29
N ALA B 15 -7.65 -1.68 -11.35
CA ALA B 15 -8.31 -0.39 -11.27
C ALA B 15 -7.50 0.66 -12.03
N PRO B 16 -8.17 1.64 -12.66
CA PRO B 16 -7.43 2.67 -13.42
C PRO B 16 -7.14 3.95 -12.65
N VAL B 17 -6.00 4.58 -12.94
CA VAL B 17 -5.75 5.94 -12.47
C VAL B 17 -6.83 6.86 -13.02
N LEU B 18 -7.34 7.74 -12.17
CA LEU B 18 -8.36 8.70 -12.58
C LEU B 18 -7.74 10.07 -12.80
N SER B 19 -8.40 10.87 -13.64
CA SER B 19 -7.90 12.21 -13.90
C SER B 19 -7.87 13.03 -12.61
N ASP B 20 -6.94 13.99 -12.55
CA ASP B 20 -6.89 14.89 -11.42
C ASP B 20 -8.20 15.66 -11.25
N SER B 21 -8.83 16.04 -12.36
CA SER B 21 -10.07 16.80 -12.23
C SER B 21 -11.18 15.95 -11.61
N SER B 22 -11.25 14.66 -11.97
CA SER B 22 -12.24 13.78 -11.36
C SER B 22 -11.96 13.58 -9.88
N CYS B 23 -10.67 13.52 -9.51
CA CYS B 23 -10.29 13.32 -8.12
C CYS B 23 -10.67 14.53 -7.28
N LYS B 24 -10.31 15.72 -7.75
CA LYS B 24 -10.72 16.95 -7.05
C LYS B 24 -12.24 17.09 -7.01
N SER B 25 -12.94 16.72 -8.08
CA SER B 25 -14.39 16.81 -8.08
C SER B 25 -15.02 15.86 -7.07
N SER B 26 -14.42 14.69 -6.87
CA SER B 26 -14.96 13.73 -5.90
C SER B 26 -14.72 14.19 -4.47
N TYR B 27 -13.63 14.89 -4.22
CA TYR B 27 -13.20 15.28 -2.88
C TYR B 27 -12.87 16.77 -2.85
N PRO B 28 -13.87 17.63 -3.00
CA PRO B 28 -13.57 19.07 -3.07
C PRO B 28 -12.88 19.56 -1.80
N GLY B 29 -11.80 20.31 -1.98
CA GLY B 29 -11.04 20.88 -0.90
C GLY B 29 -10.12 19.95 -0.15
N GLN B 30 -10.00 18.68 -0.56
CA GLN B 30 -9.24 17.70 0.20
C GLN B 30 -8.07 17.06 -0.54
N ILE B 31 -7.89 17.33 -1.83
CA ILE B 31 -6.85 16.69 -2.64
C ILE B 31 -5.68 17.65 -2.77
N THR B 32 -4.48 17.19 -2.42
CA THR B 32 -3.27 17.98 -2.65
C THR B 32 -2.55 17.40 -3.87
N GLY B 33 -1.45 18.06 -4.24
CA GLY B 33 -0.64 17.52 -5.33
C GLY B 33 0.04 16.18 -5.02
N ASN B 34 0.05 15.75 -3.77
CA ASN B 34 0.67 14.50 -3.36
C ASN B 34 -0.31 13.33 -3.32
N MET B 35 -1.47 13.47 -3.96
CA MET B 35 -2.51 12.46 -3.92
C MET B 35 -3.01 12.18 -5.33
N ILE B 36 -3.35 10.91 -5.60
CA ILE B 36 -3.99 10.51 -6.84
C ILE B 36 -5.16 9.61 -6.50
N CYS B 37 -6.20 9.69 -7.32
CA CYS B 37 -7.37 8.82 -7.20
C CYS B 37 -7.21 7.66 -8.17
N VAL B 38 -7.52 6.46 -7.68
CA VAL B 38 -7.48 5.24 -8.48
C VAL B 38 -8.74 4.45 -8.15
N GLY B 39 -9.45 3.99 -9.18
CA GLY B 39 -10.66 3.22 -8.93
C GLY B 39 -11.79 3.50 -9.89
N PHE B 40 -13.02 3.50 -9.39
CA PHE B 40 -14.21 3.51 -10.22
C PHE B 40 -15.21 4.51 -9.64
N LEU B 41 -15.58 5.50 -10.45
CA LEU B 41 -16.56 6.48 -9.98
C LEU B 41 -17.93 5.86 -9.76
N GLU B 42 -18.24 4.74 -10.41
CA GLU B 42 -19.49 4.05 -10.18
C GLU B 42 -19.49 3.25 -8.87
N GLY B 43 -18.38 3.21 -8.14
CA GLY B 43 -18.29 2.45 -6.90
C GLY B 43 -18.23 0.95 -7.15
N GLY B 44 -18.32 0.19 -6.05
CA GLY B 44 -18.37 -1.25 -6.11
C GLY B 44 -17.03 -1.96 -5.99
N LYS B 45 -15.92 -1.30 -6.33
CA LYS B 45 -14.58 -1.88 -6.32
C LYS B 45 -13.60 -0.84 -5.80
N ASP B 46 -12.82 -1.19 -4.79
CA ASP B 46 -12.03 -0.18 -4.07
C ASP B 46 -11.13 -0.89 -3.07
N SER B 47 -10.14 -0.15 -2.55
CA SER B 47 -9.46 -0.60 -1.34
C SER B 47 -10.26 -0.18 -0.11
N CYS B 48 -9.84 -0.61 1.07
CA CYS B 48 -10.63 -0.42 2.28
C CYS B 48 -9.71 -0.51 3.51
N GLN B 49 -10.31 -0.34 4.70
CA GLN B 49 -9.53 -0.40 5.94
C GLN B 49 -8.79 -1.73 6.06
N GLY B 50 -7.53 -1.65 6.45
CA GLY B 50 -6.63 -2.79 6.43
C GLY B 50 -5.74 -2.85 5.22
N ASP B 51 -6.07 -2.09 4.15
CA ASP B 51 -5.23 -2.04 2.95
C ASP B 51 -4.18 -0.93 3.00
N SER B 52 -4.34 0.06 3.87
CA SER B 52 -3.45 1.22 3.88
C SER B 52 -1.99 0.79 3.95
N GLY B 53 -1.14 1.56 3.26
CA GLY B 53 0.26 1.26 3.17
C GLY B 53 0.63 0.35 2.02
N GLY B 54 -0.36 -0.38 1.46
CA GLY B 54 -0.09 -1.34 0.42
C GLY B 54 0.01 -0.70 -0.95
N PRO B 55 0.32 -1.53 -1.94
CA PRO B 55 0.76 -1.04 -3.26
C PRO B 55 -0.35 -0.81 -4.28
N VAL B 56 -0.09 0.19 -5.13
CA VAL B 56 -0.76 0.34 -6.43
C VAL B 56 0.35 0.29 -7.47
N VAL B 57 0.35 -0.76 -8.30
CA VAL B 57 1.45 -1.03 -9.21
C VAL B 57 0.91 -0.96 -10.63
N CYS B 58 1.52 -0.12 -11.48
CA CYS B 58 1.06 0.11 -12.84
C CYS B 58 2.22 -0.12 -13.77
N ASN B 59 2.05 -1.04 -14.73
CA ASN B 59 3.11 -1.36 -15.69
C ASN B 59 4.42 -1.65 -14.97
N GLY B 60 4.33 -2.42 -13.89
CA GLY B 60 5.49 -2.85 -13.13
C GLY B 60 6.11 -1.83 -12.20
N GLN B 61 5.46 -0.67 -12.02
CA GLN B 61 6.03 0.40 -11.20
C GLN B 61 5.06 0.78 -10.08
N LEU B 62 5.60 0.97 -8.89
CA LEU B 62 4.82 1.41 -7.74
C LEU B 62 4.42 2.87 -7.94
N GLN B 63 3.12 3.14 -8.15
CA GLN B 63 2.67 4.51 -8.35
C GLN B 63 1.82 5.04 -7.21
N GLY B 64 1.29 4.18 -6.35
CA GLY B 64 0.41 4.63 -5.28
C GLY B 64 0.60 3.82 -4.02
N ILE B 65 0.28 4.44 -2.89
CA ILE B 65 0.21 3.79 -1.60
C ILE B 65 -1.20 3.99 -1.05
N VAL B 66 -1.84 2.89 -0.64
CA VAL B 66 -3.20 2.99 -0.11
C VAL B 66 -3.22 3.97 1.06
N SER B 67 -4.10 4.98 0.98
CA SER B 67 -4.10 6.03 1.98
C SER B 67 -5.48 6.24 2.63
N TRP B 68 -6.46 6.72 1.88
CA TRP B 68 -7.75 7.04 2.50
C TRP B 68 -8.85 7.10 1.46
N GLY B 69 -10.08 7.27 1.95
CA GLY B 69 -11.24 7.56 1.11
C GLY B 69 -12.43 7.80 2.02
N TYR B 70 -13.55 8.20 1.41
CA TYR B 70 -14.81 8.28 2.16
C TYR B 70 -15.53 6.95 2.01
N GLY B 71 -15.65 6.21 3.12
CA GLY B 71 -16.22 4.87 3.02
C GLY B 71 -15.29 3.97 2.21
N CYS B 72 -15.87 2.89 1.68
CA CYS B 72 -15.17 2.02 0.75
C CYS B 72 -16.11 1.65 -0.39
N ALA B 73 -15.63 1.80 -1.62
CA ALA B 73 -16.36 1.39 -2.82
C ALA B 73 -17.66 2.17 -3.00
N GLN B 74 -17.70 3.38 -2.45
CA GLN B 74 -18.86 4.25 -2.57
C GLN B 74 -18.86 4.98 -3.92
N LYS B 75 -20.05 5.30 -4.40
CA LYS B 75 -20.18 6.00 -5.68
C LYS B 75 -19.59 7.40 -5.58
N ASN B 76 -18.82 7.79 -6.61
CA ASN B 76 -18.16 9.09 -6.69
C ASN B 76 -17.19 9.34 -5.54
N LYS B 77 -16.70 8.28 -4.91
CA LYS B 77 -15.73 8.39 -3.83
C LYS B 77 -14.66 7.33 -4.01
N PRO B 78 -13.84 7.46 -5.05
CA PRO B 78 -12.80 6.46 -5.29
C PRO B 78 -11.72 6.56 -4.21
N GLY B 79 -10.88 5.54 -4.17
CA GLY B 79 -9.78 5.55 -3.22
C GLY B 79 -8.78 6.65 -3.54
N VAL B 80 -8.19 7.22 -2.49
CA VAL B 80 -7.17 8.25 -2.61
C VAL B 80 -5.85 7.65 -2.15
N TYR B 81 -4.80 7.84 -2.96
CA TYR B 81 -3.52 7.17 -2.79
C TYR B 81 -2.39 8.18 -2.76
N THR B 82 -1.37 7.88 -1.95
CA THR B 82 -0.18 8.71 -1.96
C THR B 82 0.52 8.56 -3.31
N LYS B 83 0.90 9.69 -3.91
CA LYS B 83 1.41 9.73 -5.29
C LYS B 83 2.92 9.48 -5.28
N VAL B 84 3.32 8.22 -5.53
CA VAL B 84 4.71 7.81 -5.31
C VAL B 84 5.68 8.50 -6.26
N CYS B 85 5.23 8.91 -7.45
CA CYS B 85 6.12 9.61 -8.37
C CYS B 85 6.48 11.03 -7.91
N ASN B 86 6.00 11.46 -6.74
CA ASN B 86 6.49 12.67 -6.08
C ASN B 86 7.65 12.40 -5.12
N TYR B 87 7.93 11.13 -4.79
CA TYR B 87 8.76 10.81 -3.63
C TYR B 87 9.99 9.96 -3.94
N VAL B 88 10.33 9.73 -5.21
CA VAL B 88 11.48 8.86 -5.48
C VAL B 88 12.76 9.44 -4.85
N ASN B 89 12.93 10.76 -4.91
CA ASN B 89 14.15 11.31 -4.30
C ASN B 89 14.11 11.21 -2.77
N TRP B 90 12.97 11.46 -2.14
CA TRP B 90 12.88 11.24 -0.69
C TRP B 90 13.19 9.79 -0.34
N ILE B 91 12.64 8.85 -1.11
CA ILE B 91 12.85 7.44 -0.82
C ILE B 91 14.31 7.06 -0.98
N GLN B 92 14.90 7.39 -2.13
CA GLN B 92 16.29 7.02 -2.40
C GLN B 92 17.24 7.69 -1.42
N GLN B 93 17.04 8.99 -1.14
CA GLN B 93 17.97 9.67 -0.24
C GLN B 93 17.83 9.16 1.19
N THR B 94 16.60 8.85 1.63
CA THR B 94 16.42 8.32 2.97
C THR B 94 17.07 6.95 3.11
N ILE B 95 16.87 6.08 2.11
CA ILE B 95 17.53 4.77 2.14
C ILE B 95 19.05 4.91 2.10
N ALA B 96 19.56 5.81 1.24
CA ALA B 96 21.00 5.94 1.10
C ALA B 96 21.68 6.36 2.40
N ALA B 97 20.99 7.13 3.24
CA ALA B 97 21.57 7.70 4.45
C ALA B 97 21.14 6.99 5.73
N ASN B 98 20.42 5.88 5.63
CA ASN B 98 19.95 5.23 6.86
C ASN B 98 20.18 3.73 6.88
C ACE C 1 -10.06 7.14 5.99
O ACE C 1 -9.93 6.44 4.97
CH3 ACE C 1 -11.37 7.78 6.35
N PRO C 2 -9.04 7.24 6.86
CA PRO C 2 -7.77 6.49 6.77
C PRO C 2 -8.03 4.99 6.63
N ARG C 3 -7.32 4.34 5.72
CA ARG C 3 -7.63 2.93 5.50
C ARG C 3 -6.65 2.01 6.27
CA CA D . 0.96 -17.52 6.24
C1 MPD E . -8.85 11.89 6.90
C2 MPD E . -9.75 12.58 5.88
O2 MPD E . -10.49 13.63 6.58
CM MPD E . -8.90 13.23 4.80
C3 MPD E . -10.70 11.56 5.24
C4 MPD E . -12.19 11.88 5.34
O4 MPD E . -12.43 13.27 5.22
C5 MPD E . -12.96 11.14 4.24
C1 MPD F . -2.16 21.49 0.19
C2 MPD F . -3.17 22.31 -0.57
O2 MPD F . -2.84 23.71 -0.40
CM MPD F . -3.03 22.01 -2.05
C3 MPD F . -4.60 22.00 -0.11
C4 MPD F . -4.91 21.96 1.40
O4 MPD F . -4.26 20.90 2.06
C5 MPD F . -4.60 23.28 2.11
C1 MPD G . 1.46 -3.43 -12.80
C2 MPD G . 1.27 -4.79 -13.42
O2 MPD G . 2.49 -5.09 -14.12
CM MPD G . 1.08 -5.80 -12.28
C3 MPD G . 0.09 -4.82 -14.37
C4 MPD G . -0.92 -3.69 -14.14
O4 MPD G . -0.58 -2.54 -14.86
C5 MPD G . -2.31 -4.18 -14.54
#